data_3S4J
#
_entry.id   3S4J
#
_cell.length_a   111.198
_cell.length_b   111.198
_cell.length_c   69.598
_cell.angle_alpha   90.00
_cell.angle_beta   90.00
_cell.angle_gamma   90.00
#
_symmetry.space_group_name_H-M   'P 41 21 2'
#
loop_
_entity.id
_entity.type
_entity.pdbx_description
1 polymer 'Farnesyl pyrophosphate synthase'
2 non-polymer '6,7-dihydro-5H-cyclopenta[b]pyridine-6,6-diylbis(phosphonic acid)'
3 non-polymer 'MAGNESIUM ION'
4 non-polymer 'SULFATE ION'
5 water water
#
_entity_poly.entity_id   1
_entity_poly.type   'polypeptide(L)'
_entity_poly.pdbx_seq_one_letter_code
;SNSDVYAQEKQDFVQHFSQIVRVLTEDEMGHPEIGDAIARLKEVLEYNAIGGKYNRGLTVVVAFRELVEPRKQDADSLQR
AWTVGWCVELLQAFFLVADDIMDSSLTRRGQICWYQKPGVGLDAINDANLLEACIYRLLKLYCREQPYYLNLIELFLQSS
YQTEIGQTLDLLTAPQGNVDLVRFTEKRYKSIVKYKTAFYSFYLPIAAAMYMAGIDGEKEHANAKKILLEMGEFFQIQDD
YLDLFGDPSVTGKIGTDIQDNKCSWLVVQCLQRATPEQYQILKENYGQKEAEKVARVKALYEELDLPAVFLQYEEDSYSH
IMALIEQYAAPLPPAVFLGLARKIYKRRK
;
_entity_poly.pdbx_strand_id   A
#
# COMPACT_ATOMS: atom_id res chain seq x y z
N ASP A 4 14.03 16.24 2.15
CA ASP A 4 14.41 15.07 1.31
C ASP A 4 13.95 15.29 -0.12
N VAL A 5 14.33 14.38 -1.02
CA VAL A 5 13.94 14.46 -2.42
C VAL A 5 12.45 14.20 -2.64
N TYR A 6 11.81 13.56 -1.66
CA TYR A 6 10.37 13.44 -1.62
C TYR A 6 9.70 14.77 -1.24
N ALA A 7 10.34 15.50 -0.33
CA ALA A 7 9.90 16.83 0.08
C ALA A 7 9.76 17.80 -1.11
N GLN A 8 10.78 17.84 -1.95
CA GLN A 8 10.84 18.84 -3.02
C GLN A 8 10.14 18.43 -4.31
N GLU A 9 9.66 17.19 -4.36
CA GLU A 9 8.82 16.77 -5.48
C GLU A 9 7.33 16.81 -5.13
N LYS A 10 7.05 16.87 -3.83
CA LYS A 10 5.69 16.71 -3.34
C LYS A 10 4.74 17.72 -3.96
N GLN A 11 5.09 19.01 -3.86
CA GLN A 11 4.14 20.08 -4.12
C GLN A 11 3.66 20.02 -5.57
N ASP A 12 4.59 19.87 -6.50
CA ASP A 12 4.28 19.74 -7.91
C ASP A 12 3.42 18.50 -8.17
N PHE A 13 3.77 17.40 -7.51
CA PHE A 13 3.03 16.15 -7.70
C PHE A 13 1.59 16.29 -7.23
N VAL A 14 1.41 16.87 -6.05
CA VAL A 14 0.08 17.05 -5.47
C VAL A 14 -0.76 18.02 -6.30
N GLN A 15 -0.12 19.08 -6.79
CA GLN A 15 -0.82 20.05 -7.62
C GLN A 15 -1.32 19.45 -8.93
N HIS A 16 -0.64 18.41 -9.40
CA HIS A 16 -1.00 17.72 -10.65
C HIS A 16 -2.36 17.01 -10.52
N PHE A 17 -2.85 16.82 -9.30
CA PHE A 17 -4.12 16.13 -9.08
C PHE A 17 -5.28 16.85 -9.74
N SER A 18 -5.34 18.17 -9.60
CA SER A 18 -6.42 18.92 -10.23
C SER A 18 -6.42 18.70 -11.74
N GLN A 19 -5.23 18.50 -12.33
CA GLN A 19 -5.13 18.19 -13.74
C GLN A 19 -5.63 16.79 -14.07
N ILE A 20 -5.20 15.80 -13.30
CA ILE A 20 -5.78 14.45 -13.32
C ILE A 20 -7.30 14.50 -13.35
N VAL A 21 -7.90 15.18 -12.38
CA VAL A 21 -9.36 15.21 -12.22
C VAL A 21 -10.01 15.93 -13.39
N ARG A 22 -9.38 17.01 -13.83
CA ARG A 22 -9.85 17.73 -15.01
C ARG A 22 -9.88 16.85 -16.26
N VAL A 23 -8.77 16.18 -16.55
CA VAL A 23 -8.73 15.34 -17.74
C VAL A 23 -9.73 14.18 -17.65
N LEU A 24 -9.99 13.67 -16.45
CA LEU A 24 -10.86 12.51 -16.28
C LEU A 24 -12.36 12.86 -16.20
N THR A 25 -12.65 14.14 -16.05
CA THR A 25 -14.04 14.61 -16.04
CA THR A 25 -14.05 14.59 -16.06
C THR A 25 -14.47 15.14 -17.41
N GLU A 26 -13.55 15.14 -18.37
CA GLU A 26 -13.81 15.68 -19.69
C GLU A 26 -14.37 14.65 -20.68
N ASP A 27 -14.83 13.51 -20.16
CA ASP A 27 -15.52 12.52 -20.98
C ASP A 27 -16.81 13.07 -21.57
N GLU A 28 -17.31 14.15 -20.99
CA GLU A 28 -18.43 14.89 -21.57
C GLU A 28 -18.01 15.63 -22.83
N HIS A 31 -20.48 13.48 -24.36
CA HIS A 31 -21.36 12.54 -23.68
C HIS A 31 -21.96 13.17 -22.43
N PRO A 32 -22.63 14.33 -22.60
CA PRO A 32 -23.49 15.00 -21.62
C PRO A 32 -24.36 14.06 -20.80
N GLU A 33 -24.85 13.01 -21.44
CA GLU A 33 -25.68 12.01 -20.75
C GLU A 33 -25.02 11.36 -19.52
N ILE A 34 -23.70 11.26 -19.49
CA ILE A 34 -23.08 10.63 -18.32
C ILE A 34 -22.68 11.63 -17.23
N GLY A 35 -23.13 12.86 -17.39
CA GLY A 35 -22.66 13.97 -16.55
C GLY A 35 -22.78 13.68 -15.07
N ASP A 36 -23.89 13.11 -14.66
CA ASP A 36 -24.11 12.81 -13.24
C ASP A 36 -23.12 11.78 -12.72
N ALA A 37 -22.80 10.79 -13.55
CA ALA A 37 -21.83 9.77 -13.16
C ALA A 37 -20.42 10.33 -13.05
N ILE A 38 -20.08 11.22 -13.98
CA ILE A 38 -18.77 11.83 -13.99
C ILE A 38 -18.58 12.71 -12.75
N ALA A 39 -19.63 13.39 -12.34
CA ALA A 39 -19.64 14.13 -11.08
C ALA A 39 -19.47 13.25 -9.83
N ARG A 40 -20.13 12.10 -9.83
CA ARG A 40 -19.88 11.11 -8.79
C ARG A 40 -18.41 10.66 -8.78
N LEU A 41 -17.83 10.43 -9.96
CA LEU A 41 -16.44 10.00 -10.08
C LEU A 41 -15.53 11.06 -9.46
N LYS A 42 -15.79 12.32 -9.80
CA LYS A 42 -15.06 13.44 -9.21
C LYS A 42 -15.11 13.36 -7.69
N GLU A 43 -16.30 13.21 -7.13
CA GLU A 43 -16.44 13.13 -5.67
C GLU A 43 -15.63 11.97 -5.09
N VAL A 44 -15.70 10.83 -5.74
CA VAL A 44 -14.97 9.63 -5.31
C VAL A 44 -13.46 9.86 -5.33
N LEU A 45 -12.97 10.53 -6.36
CA LEU A 45 -11.53 10.77 -6.49
C LEU A 45 -11.09 11.67 -5.35
N GLU A 46 -11.83 12.75 -5.15
CA GLU A 46 -11.49 13.73 -4.13
C GLU A 46 -11.52 13.15 -2.72
N TYR A 47 -12.44 12.24 -2.45
CA TYR A 47 -12.55 11.67 -1.11
C TYR A 47 -11.49 10.60 -0.87
N ASN A 48 -11.20 9.82 -1.91
CA ASN A 48 -10.39 8.60 -1.73
C ASN A 48 -8.95 8.65 -2.24
N ALA A 49 -8.63 9.60 -3.10
CA ALA A 49 -7.26 9.69 -3.58
C ALA A 49 -6.47 10.78 -2.85
N ILE A 50 -7.15 11.57 -2.03
CA ILE A 50 -6.49 12.71 -1.37
C ILE A 50 -6.44 12.46 0.13
N GLY A 51 -5.30 12.78 0.77
CA GLY A 51 -5.27 12.97 2.21
C GLY A 51 -4.28 12.04 2.90
N GLY A 52 -3.60 11.24 2.10
CA GLY A 52 -2.50 10.42 2.64
C GLY A 52 -1.18 11.10 2.32
N LYS A 53 -0.08 10.37 2.47
CA LYS A 53 1.25 10.94 2.30
C LYS A 53 1.80 10.91 0.87
N TYR A 54 1.11 10.17 -0.01
CA TYR A 54 1.50 10.09 -1.42
C TYR A 54 2.83 9.41 -1.69
N ASN A 55 3.30 8.60 -0.76
CA ASN A 55 4.66 8.12 -0.86
C ASN A 55 4.82 7.17 -2.06
N ARG A 56 3.76 6.44 -2.41
CA ARG A 56 3.90 5.50 -3.53
C ARG A 56 3.98 6.27 -4.84
N GLY A 57 3.09 7.23 -5.03
CA GLY A 57 3.10 8.03 -6.26
C GLY A 57 4.37 8.87 -6.38
N LEU A 58 4.83 9.39 -5.25
CA LEU A 58 6.01 10.25 -5.28
C LEU A 58 7.24 9.40 -5.57
N THR A 59 7.19 8.15 -5.13
CA THR A 59 8.27 7.23 -5.46
C THR A 59 8.47 7.11 -6.98
N VAL A 60 7.39 7.01 -7.76
CA VAL A 60 7.52 7.00 -9.23
C VAL A 60 8.23 8.26 -9.74
N VAL A 61 7.87 9.40 -9.18
CA VAL A 61 8.39 10.69 -9.66
C VAL A 61 9.86 10.84 -9.28
N VAL A 62 10.20 10.51 -8.04
CA VAL A 62 11.55 10.58 -7.52
C VAL A 62 12.50 9.67 -8.29
N ALA A 63 12.11 8.39 -8.43
CA ALA A 63 12.89 7.44 -9.21
C ALA A 63 12.99 7.81 -10.69
N PHE A 64 11.94 8.43 -11.23
CA PHE A 64 11.99 8.86 -12.61
C PHE A 64 13.09 9.93 -12.77
N ARG A 65 13.12 10.91 -11.87
CA ARG A 65 14.12 11.97 -11.93
C ARG A 65 15.55 11.43 -11.77
N GLU A 66 15.69 10.30 -11.08
CA GLU A 66 17.01 9.74 -10.78
C GLU A 66 17.48 8.73 -11.84
N LEU A 67 16.54 8.19 -12.62
CA LEU A 67 16.89 7.19 -13.64
C LEU A 67 16.89 7.77 -15.05
N VAL A 68 16.18 8.86 -15.26
CA VAL A 68 16.12 9.45 -16.60
C VAL A 68 17.19 10.53 -16.73
N GLU A 69 17.93 10.47 -17.84
CA GLU A 69 18.81 11.55 -18.28
C GLU A 69 18.09 12.88 -18.19
N PRO A 70 18.67 13.84 -17.46
CA PRO A 70 18.04 15.15 -17.31
C PRO A 70 17.68 15.80 -18.64
N ARG A 71 18.50 15.59 -19.67
CA ARG A 71 18.22 16.12 -21.00
C ARG A 71 16.94 15.55 -21.58
N LYS A 72 16.51 14.42 -21.02
CA LYS A 72 15.32 13.73 -21.51
C LYS A 72 14.12 14.03 -20.62
N GLN A 73 14.35 14.81 -19.57
CA GLN A 73 13.29 15.20 -18.65
C GLN A 73 12.45 16.41 -19.13
N ASP A 74 11.95 16.32 -20.35
CA ASP A 74 10.99 17.24 -20.96
C ASP A 74 9.86 17.65 -20.02
N ALA A 75 9.19 18.74 -20.37
CA ALA A 75 7.91 19.07 -19.78
C ALA A 75 6.92 17.92 -19.89
N ASP A 76 6.83 17.33 -21.08
CA ASP A 76 5.83 16.29 -21.35
C ASP A 76 6.14 14.99 -20.61
N SER A 77 7.43 14.63 -20.52
CA SER A 77 7.79 13.35 -19.96
C SER A 77 7.67 13.42 -18.44
N LEU A 78 7.80 14.62 -17.89
CA LEU A 78 7.53 14.85 -16.49
C LEU A 78 6.04 14.87 -16.16
N GLN A 79 5.21 15.35 -17.09
CA GLN A 79 3.75 15.22 -16.95
C GLN A 79 3.34 13.75 -16.89
N ARG A 80 3.94 12.94 -17.77
CA ARG A 80 3.73 11.49 -17.75
C ARG A 80 4.18 10.83 -16.45
N ALA A 81 5.33 11.22 -15.92
CA ALA A 81 5.77 10.70 -14.62
C ALA A 81 4.77 11.03 -13.50
N TRP A 82 4.27 12.26 -13.48
CA TRP A 82 3.35 12.68 -12.42
C TRP A 82 2.04 11.92 -12.61
N THR A 83 1.64 11.72 -13.87
CA THR A 83 0.46 10.93 -14.16
C THR A 83 0.62 9.48 -13.70
N VAL A 84 1.71 8.82 -14.09
CA VAL A 84 1.99 7.46 -13.63
C VAL A 84 2.07 7.33 -12.10
N GLY A 85 2.67 8.32 -11.44
CA GLY A 85 2.58 8.42 -9.97
C GLY A 85 1.14 8.44 -9.47
N TRP A 86 0.29 9.26 -10.05
CA TRP A 86 -1.11 9.28 -9.65
C TRP A 86 -1.85 7.98 -9.94
N CYS A 87 -1.48 7.30 -11.03
CA CYS A 87 -1.96 5.94 -11.28
C CYS A 87 -1.70 4.97 -10.13
N VAL A 88 -0.49 5.00 -9.59
CA VAL A 88 -0.19 4.22 -8.41
C VAL A 88 -1.07 4.64 -7.21
N GLU A 89 -1.25 5.94 -7.00
CA GLU A 89 -2.11 6.38 -5.89
C GLU A 89 -3.57 5.92 -6.09
N LEU A 90 -4.03 5.90 -7.35
CA LEU A 90 -5.40 5.47 -7.66
C LEU A 90 -5.56 3.97 -7.43
N LEU A 91 -4.53 3.20 -7.72
CA LEU A 91 -4.53 1.78 -7.45
C LEU A 91 -4.67 1.51 -5.95
N GLN A 92 -3.86 2.22 -5.18
CA GLN A 92 -4.02 2.27 -3.73
C GLN A 92 -5.44 2.63 -3.27
N ALA A 93 -6.04 3.69 -3.81
CA ALA A 93 -7.37 4.12 -3.44
C ALA A 93 -8.44 3.03 -3.71
N PHE A 94 -8.35 2.39 -4.88
CA PHE A 94 -9.21 1.24 -5.23
C PHE A 94 -9.12 0.15 -4.15
N PHE A 95 -7.89 -0.26 -3.82
CA PHE A 95 -7.74 -1.34 -2.84
C PHE A 95 -8.19 -0.91 -1.44
N LEU A 96 -7.94 0.34 -1.07
CA LEU A 96 -8.31 0.79 0.27
C LEU A 96 -9.81 0.95 0.44
N VAL A 97 -10.50 1.41 -0.58
CA VAL A 97 -11.95 1.53 -0.48
C VAL A 97 -12.61 0.16 -0.21
N ALA A 98 -12.20 -0.83 -0.96
CA ALA A 98 -12.72 -2.19 -0.81
C ALA A 98 -12.25 -2.80 0.50
N ASP A 99 -10.99 -2.58 0.88
CA ASP A 99 -10.43 -3.19 2.08
C ASP A 99 -11.17 -2.68 3.33
N ASP A 100 -11.49 -1.40 3.37
CA ASP A 100 -12.20 -0.85 4.53
C ASP A 100 -13.59 -1.48 4.70
N ILE A 101 -14.29 -1.70 3.60
CA ILE A 101 -15.56 -2.45 3.62
C ILE A 101 -15.33 -3.85 4.17
N MET A 102 -14.34 -4.56 3.64
CA MET A 102 -14.14 -5.96 4.01
C MET A 102 -13.53 -6.13 5.40
N ASP A 103 -12.82 -5.13 5.90
CA ASP A 103 -12.26 -5.18 7.24
C ASP A 103 -13.16 -4.50 8.29
N SER A 104 -14.32 -4.04 7.84
CA SER A 104 -15.25 -3.32 8.69
C SER A 104 -14.57 -2.17 9.43
N SER A 105 -13.81 -1.37 8.68
CA SER A 105 -13.09 -0.27 9.29
C SER A 105 -13.99 0.94 9.49
N LEU A 106 -13.51 1.88 10.32
CA LEU A 106 -14.27 3.03 10.76
C LEU A 106 -13.76 4.32 10.11
N THR A 107 -12.45 4.59 10.25
CA THR A 107 -11.88 5.79 9.65
C THR A 107 -10.69 5.45 8.76
N ARG A 108 -10.37 6.38 7.88
CA ARG A 108 -9.15 6.26 7.08
C ARG A 108 -8.69 7.68 6.76
N ARG A 109 -7.39 7.94 6.94
CA ARG A 109 -6.79 9.24 6.60
C ARG A 109 -7.58 10.36 7.26
N GLY A 110 -8.02 10.11 8.49
CA GLY A 110 -8.57 11.16 9.34
C GLY A 110 -10.00 11.56 9.05
N GLN A 111 -10.70 10.74 8.26
CA GLN A 111 -12.13 10.96 8.03
CA GLN A 111 -12.12 10.96 8.01
C GLN A 111 -12.81 9.61 8.06
N ILE A 112 -14.14 9.57 8.17
CA ILE A 112 -14.77 8.25 8.21
C ILE A 112 -14.56 7.58 6.85
N CYS A 113 -14.49 6.26 6.85
CA CYS A 113 -14.34 5.50 5.59
C CYS A 113 -15.44 5.82 4.60
N TRP A 114 -15.08 5.80 3.32
CA TRP A 114 -16.03 6.16 2.27
C TRP A 114 -17.35 5.40 2.42
N TYR A 115 -17.28 4.08 2.61
CA TYR A 115 -18.51 3.27 2.64
C TYR A 115 -19.39 3.55 3.87
N GLN A 116 -18.77 4.12 4.92
CA GLN A 116 -19.52 4.50 6.11
C GLN A 116 -20.24 5.84 5.97
N LYS A 117 -19.94 6.58 4.91
CA LYS A 117 -20.64 7.83 4.67
C LYS A 117 -22.13 7.61 4.43
N PRO A 118 -22.98 8.37 5.14
CA PRO A 118 -24.41 8.30 4.86
C PRO A 118 -24.67 8.45 3.36
N GLY A 119 -25.37 7.49 2.77
CA GLY A 119 -25.72 7.61 1.35
C GLY A 119 -24.75 6.92 0.41
N VAL A 120 -23.62 6.43 0.93
CA VAL A 120 -22.70 5.65 0.08
C VAL A 120 -22.99 4.17 0.30
N GLY A 121 -22.59 3.65 1.47
CA GLY A 121 -22.75 2.24 1.78
C GLY A 121 -22.08 1.36 0.73
N LEU A 122 -22.75 0.27 0.35
CA LEU A 122 -22.14 -0.70 -0.57
C LEU A 122 -22.02 -0.26 -2.02
N ASP A 123 -22.56 0.92 -2.34
CA ASP A 123 -22.32 1.55 -3.62
C ASP A 123 -20.82 1.81 -3.76
N ALA A 124 -20.11 1.83 -2.64
CA ALA A 124 -18.67 2.05 -2.66
C ALA A 124 -17.90 0.97 -3.42
N ILE A 125 -18.48 -0.22 -3.52
CA ILE A 125 -17.89 -1.29 -4.36
C ILE A 125 -17.72 -0.83 -5.82
N ASN A 126 -18.76 -0.27 -6.39
CA ASN A 126 -18.64 0.26 -7.74
C ASN A 126 -17.73 1.49 -7.83
N ASP A 127 -17.80 2.38 -6.85
CA ASP A 127 -16.82 3.46 -6.80
C ASP A 127 -15.39 2.96 -6.82
N ALA A 128 -15.10 1.88 -6.09
CA ALA A 128 -13.76 1.33 -6.09
C ALA A 128 -13.33 0.80 -7.47
N ASN A 129 -14.23 0.07 -8.13
CA ASN A 129 -13.99 -0.37 -9.50
C ASN A 129 -13.72 0.79 -10.46
N LEU A 130 -14.45 1.88 -10.29
CA LEU A 130 -14.23 3.08 -11.09
C LEU A 130 -12.84 3.69 -10.90
N LEU A 131 -12.36 3.75 -9.67
CA LEU A 131 -10.98 4.16 -9.39
C LEU A 131 -9.97 3.31 -10.13
N GLU A 132 -10.10 1.99 -10.03
CA GLU A 132 -9.31 1.07 -10.85
C GLU A 132 -9.37 1.46 -12.33
N ALA A 133 -10.58 1.64 -12.87
CA ALA A 133 -10.70 1.94 -14.30
C ALA A 133 -9.92 3.19 -14.70
N CYS A 134 -9.93 4.20 -13.84
CA CYS A 134 -9.25 5.47 -14.12
C CYS A 134 -7.76 5.31 -14.40
N ILE A 135 -7.12 4.35 -13.76
CA ILE A 135 -5.73 4.04 -14.05
C ILE A 135 -5.49 3.88 -15.55
N TYR A 136 -6.29 3.02 -16.18
CA TYR A 136 -5.98 2.61 -17.54
C TYR A 136 -6.43 3.69 -18.50
N ARG A 137 -7.42 4.47 -18.08
CA ARG A 137 -7.85 5.64 -18.83
C ARG A 137 -6.74 6.68 -18.90
N LEU A 138 -6.10 6.92 -17.76
CA LEU A 138 -4.93 7.82 -17.68
C LEU A 138 -3.72 7.33 -18.46
N LEU A 139 -3.40 6.05 -18.35
CA LEU A 139 -2.28 5.51 -19.12
C LEU A 139 -2.51 5.70 -20.63
N LYS A 140 -3.70 5.37 -21.11
CA LYS A 140 -4.03 5.63 -22.52
C LYS A 140 -3.84 7.10 -22.87
N LEU A 141 -4.40 7.98 -22.05
CA LEU A 141 -4.43 9.41 -22.38
C LEU A 141 -3.05 10.04 -22.45
N TYR A 142 -2.14 9.57 -21.61
CA TYR A 142 -0.83 10.22 -21.44
C TYR A 142 0.29 9.42 -22.09
N CYS A 143 0.18 8.10 -22.14
CA CYS A 143 1.33 7.25 -22.44
C CYS A 143 1.16 6.37 -23.66
N ARG A 144 0.08 6.57 -24.40
CA ARG A 144 -0.33 5.57 -25.38
C ARG A 144 0.70 5.45 -26.53
N GLU A 145 1.37 6.56 -26.83
CA GLU A 145 2.34 6.59 -27.93
C GLU A 145 3.76 6.24 -27.48
N GLN A 146 3.95 5.94 -26.19
CA GLN A 146 5.29 5.67 -25.66
C GLN A 146 5.64 4.20 -25.80
N PRO A 147 6.93 3.89 -26.00
CA PRO A 147 7.41 2.52 -26.13
C PRO A 147 7.09 1.62 -24.93
N TYR A 148 6.91 2.22 -23.77
CA TYR A 148 6.74 1.47 -22.52
C TYR A 148 5.27 1.29 -22.18
N TYR A 149 4.38 1.70 -23.08
CA TYR A 149 2.94 1.70 -22.80
C TYR A 149 2.46 0.31 -22.37
N LEU A 150 2.70 -0.70 -23.19
CA LEU A 150 2.23 -2.05 -22.86
C LEU A 150 2.89 -2.59 -21.60
N ASN A 151 4.18 -2.30 -21.43
CA ASN A 151 4.86 -2.66 -20.18
C ASN A 151 4.13 -2.08 -18.96
N LEU A 152 3.69 -0.83 -19.01
CA LEU A 152 3.02 -0.25 -17.84
C LEU A 152 1.63 -0.86 -17.62
N ILE A 153 0.92 -1.13 -18.70
CA ILE A 153 -0.40 -1.74 -18.57
C ILE A 153 -0.26 -3.08 -17.88
N GLU A 154 0.66 -3.90 -18.39
CA GLU A 154 0.88 -5.24 -17.86
C GLU A 154 1.34 -5.19 -16.40
N LEU A 155 2.20 -4.22 -16.08
CA LEU A 155 2.71 -4.09 -14.72
C LEU A 155 1.59 -3.76 -13.72
N PHE A 156 0.72 -2.82 -14.08
CA PHE A 156 -0.38 -2.45 -13.19
C PHE A 156 -1.38 -3.61 -13.03
N LEU A 157 -1.67 -4.32 -14.12
CA LEU A 157 -2.62 -5.44 -14.03
C LEU A 157 -2.03 -6.57 -13.20
N GLN A 158 -0.76 -6.86 -13.43
CA GLN A 158 -0.13 -7.95 -12.71
C GLN A 158 -0.03 -7.60 -11.24
N SER A 159 0.35 -6.36 -10.94
CA SER A 159 0.41 -5.88 -9.56
C SER A 159 -0.96 -5.96 -8.87
N SER A 160 -2.02 -5.65 -9.60
CA SER A 160 -3.37 -5.81 -9.07
C SER A 160 -3.72 -7.28 -8.78
N TYR A 161 -3.39 -8.15 -9.71
CA TYR A 161 -3.63 -9.59 -9.52
C TYR A 161 -2.89 -10.09 -8.29
N GLN A 162 -1.62 -9.69 -8.17
CA GLN A 162 -0.84 -10.15 -7.02
C GLN A 162 -1.45 -9.62 -5.71
N THR A 163 -1.87 -8.36 -5.70
CA THR A 163 -2.44 -7.77 -4.48
C THR A 163 -3.72 -8.51 -4.10
N GLU A 164 -4.53 -8.84 -5.11
CA GLU A 164 -5.79 -9.53 -4.89
C GLU A 164 -5.60 -10.96 -4.40
N ILE A 165 -4.53 -11.61 -4.87
CA ILE A 165 -4.16 -12.91 -4.33
C ILE A 165 -3.78 -12.83 -2.85
N GLY A 166 -3.01 -11.79 -2.53
CA GLY A 166 -2.61 -11.50 -1.15
C GLY A 166 -3.83 -11.19 -0.29
N GLN A 167 -4.75 -10.36 -0.76
CA GLN A 167 -5.99 -10.09 -0.02
C GLN A 167 -6.78 -11.37 0.22
N THR A 168 -6.78 -12.26 -0.77
CA THR A 168 -7.45 -13.56 -0.65
C THR A 168 -6.89 -14.35 0.54
N LEU A 169 -5.57 -14.43 0.61
CA LEU A 169 -4.94 -15.18 1.70
C LEU A 169 -5.18 -14.50 3.05
N ASP A 170 -5.11 -13.17 3.06
CA ASP A 170 -5.45 -12.40 4.26
C ASP A 170 -6.84 -12.83 4.78
N LEU A 171 -7.83 -12.84 3.89
CA LEU A 171 -9.21 -13.14 4.30
C LEU A 171 -9.46 -14.61 4.63
N LEU A 172 -8.82 -15.52 3.90
CA LEU A 172 -8.88 -16.96 4.20
C LEU A 172 -8.28 -17.30 5.56
N THR A 173 -7.26 -16.53 5.96
CA THR A 173 -6.53 -16.85 7.19
C THR A 173 -7.27 -16.28 8.38
N ALA A 174 -8.18 -15.34 8.11
CA ALA A 174 -8.92 -14.62 9.14
C ALA A 174 -10.44 -14.82 9.03
N PRO A 175 -10.91 -16.07 9.07
CA PRO A 175 -12.35 -16.30 9.00
C PRO A 175 -13.09 -15.76 10.23
N GLN A 176 -14.21 -15.07 9.97
CA GLN A 176 -14.91 -14.31 11.00
C GLN A 176 -15.49 -15.27 12.03
N GLY A 177 -15.27 -14.95 13.30
CA GLY A 177 -15.85 -15.71 14.39
C GLY A 177 -15.46 -17.17 14.41
N ASN A 178 -14.24 -17.47 14.01
CA ASN A 178 -13.67 -18.78 14.28
C ASN A 178 -12.46 -18.75 15.21
N VAL A 179 -11.65 -19.82 15.21
CA VAL A 179 -10.37 -19.77 15.90
C VAL A 179 -9.15 -20.04 15.01
N ASP A 180 -8.72 -21.29 14.94
CA ASP A 180 -7.37 -21.65 15.37
C ASP A 180 -6.36 -20.53 15.08
N LEU A 181 -5.80 -19.99 16.15
CA LEU A 181 -4.43 -19.53 16.15
C LEU A 181 -3.45 -20.46 15.41
N VAL A 182 -3.90 -21.66 15.07
CA VAL A 182 -3.04 -22.64 14.43
C VAL A 182 -2.65 -22.23 13.01
N ARG A 183 -3.50 -21.41 12.39
CA ARG A 183 -3.26 -20.87 11.06
C ARG A 183 -2.16 -19.80 11.04
N PHE A 184 -1.88 -19.22 12.21
CA PHE A 184 -1.14 -17.96 12.28
C PHE A 184 0.35 -18.28 12.44
N THR A 185 1.02 -18.62 11.34
CA THR A 185 2.43 -18.99 11.39
C THR A 185 3.28 -17.94 10.67
N GLU A 186 4.58 -17.91 10.97
CA GLU A 186 5.47 -16.97 10.30
CA GLU A 186 5.50 -17.01 10.31
C GLU A 186 5.52 -17.21 8.80
N LYS A 187 5.52 -18.47 8.38
CA LYS A 187 5.48 -18.79 6.96
C LYS A 187 4.25 -18.22 6.25
N ARG A 188 3.08 -18.46 6.83
CA ARG A 188 1.84 -17.93 6.28
C ARG A 188 1.89 -16.41 6.21
N TYR A 189 2.39 -15.80 7.29
CA TYR A 189 2.46 -14.35 7.41
C TYR A 189 3.29 -13.76 6.29
N LYS A 190 4.49 -14.30 6.11
CA LYS A 190 5.39 -13.78 5.08
C LYS A 190 4.78 -13.86 3.68
N SER A 191 4.01 -14.91 3.40
CA SER A 191 3.36 -15.05 2.08
C SER A 191 2.22 -14.04 1.91
N ILE A 192 1.41 -13.87 2.93
CA ILE A 192 0.35 -12.86 2.90
C ILE A 192 0.92 -11.51 2.50
N VAL A 193 1.94 -11.06 3.23
CA VAL A 193 2.39 -9.70 3.08
C VAL A 193 3.18 -9.47 1.79
N LYS A 194 3.96 -10.45 1.35
CA LYS A 194 4.61 -10.37 0.03
C LYS A 194 3.59 -10.00 -1.03
N TYR A 195 2.48 -10.73 -1.04
CA TYR A 195 1.44 -10.55 -2.05
C TYR A 195 0.54 -9.33 -1.86
N LYS A 196 -0.01 -9.14 -0.65
CA LYS A 196 -0.92 -8.03 -0.43
C LYS A 196 -0.27 -6.64 -0.39
N THR A 197 1.01 -6.58 -0.04
CA THR A 197 1.64 -5.28 0.19
C THR A 197 2.88 -5.05 -0.67
N ALA A 198 3.79 -6.01 -0.69
CA ALA A 198 5.13 -5.76 -1.19
C ALA A 198 5.16 -5.41 -2.67
N PHE A 199 4.43 -6.17 -3.48
CA PHE A 199 4.42 -5.92 -4.92
C PHE A 199 3.90 -4.54 -5.29
N TYR A 200 2.72 -4.16 -4.82
CA TYR A 200 2.14 -2.91 -5.29
C TYR A 200 2.74 -1.66 -4.62
N SER A 201 3.21 -1.82 -3.38
CA SER A 201 3.65 -0.66 -2.60
C SER A 201 5.10 -0.26 -2.88
N PHE A 202 5.89 -1.24 -3.31
CA PHE A 202 7.34 -1.08 -3.42
C PHE A 202 7.88 -1.45 -4.80
N TYR A 203 7.53 -2.64 -5.27
CA TYR A 203 7.97 -3.02 -6.62
C TYR A 203 7.36 -2.15 -7.70
N LEU A 204 6.03 -2.04 -7.69
CA LEU A 204 5.31 -1.27 -8.70
C LEU A 204 5.85 0.13 -8.99
N PRO A 205 5.99 0.98 -7.95
CA PRO A 205 6.35 2.34 -8.32
C PRO A 205 7.77 2.40 -8.92
N ILE A 206 8.72 1.65 -8.37
CA ILE A 206 10.09 1.69 -8.92
C ILE A 206 10.15 1.05 -10.30
N ALA A 207 9.54 -0.13 -10.45
CA ALA A 207 9.43 -0.78 -11.76
C ALA A 207 8.85 0.13 -12.83
N ALA A 208 7.82 0.90 -12.48
CA ALA A 208 7.16 1.77 -13.44
C ALA A 208 8.13 2.86 -13.91
N ALA A 209 8.78 3.51 -12.96
CA ALA A 209 9.90 4.42 -13.30
C ALA A 209 10.99 3.75 -14.13
N MET A 210 11.42 2.54 -13.76
CA MET A 210 12.37 1.81 -14.60
C MET A 210 11.90 1.69 -16.06
N TYR A 211 10.70 1.16 -16.27
CA TYR A 211 10.20 0.99 -17.64
C TYR A 211 10.15 2.34 -18.33
N MET A 212 9.74 3.38 -17.62
CA MET A 212 9.66 4.70 -18.25
C MET A 212 11.07 5.14 -18.66
N ALA A 213 12.09 4.67 -17.96
CA ALA A 213 13.46 5.08 -18.25
C ALA A 213 14.13 4.19 -19.29
N GLY A 214 13.39 3.20 -19.78
CA GLY A 214 13.87 2.27 -20.80
C GLY A 214 14.63 1.10 -20.21
N ILE A 215 14.63 0.99 -18.89
CA ILE A 215 15.19 -0.15 -18.20
C ILE A 215 14.16 -1.27 -18.08
N ASP A 216 14.17 -2.20 -19.04
CA ASP A 216 13.15 -3.23 -19.10
C ASP A 216 13.74 -4.62 -18.89
N GLY A 217 15.02 -4.66 -18.49
CA GLY A 217 15.73 -5.93 -18.43
C GLY A 217 15.27 -6.84 -17.31
N GLU A 218 15.17 -8.14 -17.61
CA GLU A 218 14.67 -9.09 -16.64
C GLU A 218 15.52 -9.12 -15.38
N LYS A 219 16.84 -9.08 -15.55
CA LYS A 219 17.73 -9.26 -14.41
C LYS A 219 17.73 -7.97 -13.60
N GLU A 220 17.64 -6.82 -14.26
CA GLU A 220 17.57 -5.57 -13.54
C GLU A 220 16.32 -5.47 -12.68
N HIS A 221 15.19 -5.96 -13.20
CA HIS A 221 13.94 -5.96 -12.44
C HIS A 221 13.96 -6.96 -11.31
N ALA A 222 14.63 -8.08 -11.54
CA ALA A 222 14.75 -9.13 -10.54
C ALA A 222 15.58 -8.68 -9.35
N ASN A 223 16.67 -7.97 -9.63
CA ASN A 223 17.53 -7.49 -8.55
C ASN A 223 16.81 -6.38 -7.78
N ALA A 224 16.16 -5.48 -8.49
CA ALA A 224 15.38 -4.43 -7.84
C ALA A 224 14.31 -5.06 -6.94
N LYS A 225 13.64 -6.08 -7.47
CA LYS A 225 12.59 -6.75 -6.73
C LYS A 225 13.12 -7.35 -5.43
N LYS A 226 14.35 -7.86 -5.45
CA LYS A 226 14.91 -8.48 -4.26
C LYS A 226 15.01 -7.54 -3.05
N ILE A 227 15.40 -6.30 -3.30
CA ILE A 227 15.41 -5.25 -2.27
C ILE A 227 13.97 -4.87 -1.90
N LEU A 228 13.17 -4.59 -2.92
CA LEU A 228 11.89 -3.93 -2.71
C LEU A 228 10.86 -4.83 -2.00
N LEU A 229 10.92 -6.12 -2.27
CA LEU A 229 9.99 -7.06 -1.62
C LEU A 229 10.29 -7.18 -0.12
N GLU A 230 11.57 -7.15 0.23
CA GLU A 230 11.96 -7.15 1.65
C GLU A 230 11.53 -5.86 2.34
N MET A 231 11.72 -4.73 1.69
CA MET A 231 11.18 -3.47 2.22
C MET A 231 9.68 -3.60 2.47
N GLY A 232 8.98 -4.28 1.55
CA GLY A 232 7.52 -4.34 1.63
C GLY A 232 7.07 -5.17 2.81
N GLU A 233 7.79 -6.25 3.08
CA GLU A 233 7.53 -7.06 4.27
C GLU A 233 7.69 -6.26 5.55
N PHE A 234 8.79 -5.50 5.68
CA PHE A 234 8.91 -4.65 6.85
C PHE A 234 7.76 -3.64 6.98
N PHE A 235 7.38 -3.04 5.86
CA PHE A 235 6.37 -1.98 5.88
C PHE A 235 5.06 -2.56 6.41
N GLN A 236 4.75 -3.81 6.03
CA GLN A 236 3.51 -4.40 6.50
C GLN A 236 3.61 -4.83 7.95
N ILE A 237 4.80 -5.21 8.38
CA ILE A 237 5.00 -5.52 9.79
C ILE A 237 4.79 -4.25 10.62
N GLN A 238 5.38 -3.15 10.16
CA GLN A 238 5.15 -1.85 10.79
C GLN A 238 3.67 -1.47 10.81
N ASP A 239 2.97 -1.72 9.71
CA ASP A 239 1.56 -1.40 9.64
C ASP A 239 0.78 -2.19 10.68
N ASP A 240 1.15 -3.44 10.89
CA ASP A 240 0.49 -4.29 11.85
C ASP A 240 0.77 -3.81 13.27
N TYR A 241 2.01 -3.39 13.50
CA TYR A 241 2.38 -2.91 14.82
C TYR A 241 1.58 -1.64 15.15
N LEU A 242 1.48 -0.74 14.19
CA LEU A 242 0.81 0.54 14.38
C LEU A 242 -0.72 0.40 14.50
N ASP A 243 -1.26 -0.66 13.93
CA ASP A 243 -2.68 -0.97 14.07
C ASP A 243 -3.13 -0.96 15.53
N LEU A 244 -2.24 -1.39 16.41
CA LEU A 244 -2.56 -1.49 17.84
C LEU A 244 -1.88 -0.42 18.69
N PHE A 245 -0.64 -0.10 18.32
CA PHE A 245 0.26 0.66 19.19
C PHE A 245 0.56 2.04 18.61
N GLY A 246 0.03 2.32 17.42
CA GLY A 246 0.24 3.62 16.80
C GLY A 246 -0.78 4.62 17.29
N ASP A 247 -0.47 5.90 17.11
CA ASP A 247 -1.37 6.97 17.54
C ASP A 247 -2.31 7.27 16.39
N PRO A 248 -3.63 7.16 16.61
CA PRO A 248 -4.56 7.40 15.51
C PRO A 248 -4.43 8.80 14.91
N SER A 249 -3.97 9.78 15.68
CA SER A 249 -3.80 11.13 15.11
C SER A 249 -2.70 11.10 14.05
N VAL A 250 -1.77 10.17 14.19
CA VAL A 250 -0.67 10.00 13.24
C VAL A 250 -1.03 9.03 12.10
N THR A 251 -1.58 7.87 12.44
CA THR A 251 -1.93 6.90 11.41
C THR A 251 -3.18 7.28 10.62
N GLY A 252 -4.06 8.09 11.20
CA GLY A 252 -5.27 8.52 10.48
C GLY A 252 -6.44 7.55 10.54
N LYS A 253 -6.27 6.44 11.27
CA LYS A 253 -7.25 5.36 11.18
C LYS A 253 -7.28 4.55 12.47
N ILE A 254 -8.40 3.89 12.71
CA ILE A 254 -8.55 3.05 13.89
C ILE A 254 -8.30 1.58 13.54
N GLY A 255 -7.45 0.92 14.33
CA GLY A 255 -7.12 -0.49 14.16
C GLY A 255 -8.28 -1.46 14.34
N THR A 256 -8.30 -2.52 13.54
CA THR A 256 -9.35 -3.54 13.63
C THR A 256 -8.78 -4.96 13.58
N ASP A 257 -7.46 -5.12 13.62
CA ASP A 257 -6.85 -6.44 13.40
C ASP A 257 -7.27 -7.47 14.43
N ILE A 258 -7.31 -7.10 15.71
CA ILE A 258 -7.68 -8.07 16.72
C ILE A 258 -9.14 -8.48 16.55
N GLN A 259 -10.04 -7.50 16.48
CA GLN A 259 -11.45 -7.80 16.29
C GLN A 259 -11.68 -8.61 15.01
N ASP A 260 -10.88 -8.33 13.98
CA ASP A 260 -11.05 -9.00 12.67
C ASP A 260 -10.37 -10.35 12.57
N ASN A 261 -9.77 -10.84 13.66
CA ASN A 261 -9.16 -12.17 13.67
C ASN A 261 -8.00 -12.29 12.67
N LYS A 262 -7.25 -11.20 12.47
CA LYS A 262 -6.19 -11.18 11.45
C LYS A 262 -4.90 -11.87 11.83
N CYS A 263 -4.26 -12.49 10.84
CA CYS A 263 -2.88 -12.95 10.96
C CYS A 263 -1.92 -11.77 10.98
N SER A 264 -1.97 -10.99 12.08
CA SER A 264 -1.10 -9.83 12.23
C SER A 264 0.28 -10.31 12.68
N TRP A 265 1.31 -9.51 12.41
CA TRP A 265 2.66 -9.85 12.88
C TRP A 265 2.67 -9.99 14.40
N LEU A 266 1.92 -9.12 15.08
CA LEU A 266 1.79 -9.20 16.54
C LEU A 266 1.29 -10.54 17.06
N VAL A 267 0.21 -11.07 16.48
CA VAL A 267 -0.31 -12.36 16.94
C VAL A 267 0.63 -13.53 16.66
N VAL A 268 1.39 -13.43 15.56
CA VAL A 268 2.35 -14.46 15.18
C VAL A 268 3.49 -14.45 16.19
N GLN A 269 3.95 -13.25 16.54
CA GLN A 269 5.00 -13.11 17.57
C GLN A 269 4.52 -13.50 18.97
N CYS A 270 3.31 -13.08 19.32
CA CYS A 270 2.67 -13.54 20.56
C CYS A 270 2.73 -15.06 20.68
N LEU A 271 2.23 -15.76 19.66
CA LEU A 271 2.12 -17.21 19.70
C LEU A 271 3.49 -17.89 19.83
N GLN A 272 4.50 -17.28 19.24
CA GLN A 272 5.84 -17.85 19.31
C GLN A 272 6.36 -17.80 20.74
N ARG A 273 5.85 -16.85 21.53
CA ARG A 273 6.39 -16.60 22.86
C ARG A 273 5.50 -17.10 24.00
N ALA A 274 4.21 -17.30 23.73
CA ALA A 274 3.23 -17.49 24.79
C ALA A 274 3.46 -18.81 25.53
N THR A 275 3.33 -18.78 26.86
CA THR A 275 3.15 -20.01 27.64
C THR A 275 1.82 -20.66 27.28
N PRO A 276 1.68 -21.97 27.57
CA PRO A 276 0.40 -22.62 27.33
C PRO A 276 -0.79 -21.84 27.88
N GLU A 277 -0.58 -21.13 28.98
CA GLU A 277 -1.66 -20.41 29.64
C GLU A 277 -1.98 -19.10 28.95
N GLN A 278 -0.96 -18.44 28.43
CA GLN A 278 -1.14 -17.20 27.68
C GLN A 278 -1.83 -17.52 26.36
N TYR A 279 -1.46 -18.65 25.77
CA TYR A 279 -2.16 -19.19 24.62
C TYR A 279 -3.67 -19.26 24.80
N GLN A 280 -4.11 -19.74 25.96
CA GLN A 280 -5.53 -19.93 26.21
C GLN A 280 -6.24 -18.58 26.36
N ILE A 281 -5.53 -17.60 26.91
CA ILE A 281 -6.07 -16.25 27.02
C ILE A 281 -6.26 -15.64 25.63
N LEU A 282 -5.23 -15.75 24.80
CA LEU A 282 -5.32 -15.37 23.39
C LEU A 282 -6.53 -16.02 22.73
N LYS A 283 -6.62 -17.34 22.83
CA LYS A 283 -7.67 -18.09 22.13
C LYS A 283 -9.06 -17.64 22.57
N GLU A 284 -9.18 -17.29 23.85
CA GLU A 284 -10.46 -16.91 24.42
C GLU A 284 -10.86 -15.49 24.05
N ASN A 285 -9.89 -14.68 23.62
CA ASN A 285 -10.08 -13.24 23.54
C ASN A 285 -9.92 -12.63 22.13
N TYR A 286 -9.22 -13.35 21.25
CA TYR A 286 -8.90 -12.83 19.92
C TYR A 286 -10.09 -12.98 18.98
N GLY A 287 -10.19 -12.11 17.97
CA GLY A 287 -11.18 -12.33 16.91
C GLY A 287 -12.59 -11.93 17.28
N GLN A 288 -12.72 -11.07 18.29
CA GLN A 288 -14.05 -10.75 18.82
C GLN A 288 -14.18 -9.24 19.02
N LYS A 289 -15.40 -8.72 18.84
CA LYS A 289 -15.62 -7.27 18.83
C LYS A 289 -15.62 -6.62 20.22
N GLU A 290 -15.74 -7.41 21.28
CA GLU A 290 -15.87 -6.80 22.59
C GLU A 290 -14.62 -6.03 23.05
N ALA A 291 -14.79 -4.75 23.36
CA ALA A 291 -13.64 -3.90 23.69
C ALA A 291 -12.80 -4.49 24.82
N GLU A 292 -13.48 -5.09 25.79
CA GLU A 292 -12.84 -5.78 26.90
C GLU A 292 -11.92 -6.93 26.48
N LYS A 293 -12.37 -7.74 25.52
CA LYS A 293 -11.53 -8.83 25.02
C LYS A 293 -10.31 -8.31 24.25
N VAL A 294 -10.52 -7.30 23.42
CA VAL A 294 -9.41 -6.67 22.70
C VAL A 294 -8.35 -6.11 23.66
N ALA A 295 -8.82 -5.47 24.72
CA ALA A 295 -7.92 -4.90 25.72
C ALA A 295 -7.10 -5.99 26.40
N ARG A 296 -7.68 -7.17 26.58
CA ARG A 296 -6.96 -8.29 27.17
C ARG A 296 -5.82 -8.75 26.24
N VAL A 297 -6.10 -8.78 24.94
CA VAL A 297 -5.07 -9.15 23.97
C VAL A 297 -3.92 -8.15 24.00
N LYS A 298 -4.25 -6.87 24.01
CA LYS A 298 -3.24 -5.82 24.03
C LYS A 298 -2.40 -5.94 25.29
N ALA A 299 -3.04 -6.38 26.38
CA ALA A 299 -2.34 -6.54 27.65
C ALA A 299 -1.39 -7.71 27.57
N LEU A 300 -1.82 -8.81 26.96
CA LEU A 300 -0.92 -9.93 26.72
C LEU A 300 0.29 -9.47 25.89
N TYR A 301 0.04 -8.71 24.84
CA TYR A 301 1.14 -8.29 23.95
C TYR A 301 2.17 -7.46 24.73
N GLU A 302 1.67 -6.63 25.65
CA GLU A 302 2.56 -5.78 26.42
C GLU A 302 3.32 -6.61 27.46
N GLU A 303 2.65 -7.61 28.02
CA GLU A 303 3.28 -8.56 28.96
C GLU A 303 4.44 -9.28 28.30
N LEU A 304 4.32 -9.52 26.99
CA LEU A 304 5.37 -10.22 26.27
C LEU A 304 6.37 -9.29 25.60
N ASP A 305 6.28 -8.00 25.89
CA ASP A 305 7.24 -7.00 25.40
C ASP A 305 7.29 -6.93 23.88
N LEU A 306 6.16 -7.21 23.23
CA LEU A 306 6.10 -7.16 21.77
C LEU A 306 6.55 -5.82 21.18
N PRO A 307 6.22 -4.71 21.84
CA PRO A 307 6.72 -3.44 21.32
C PRO A 307 8.26 -3.40 21.27
N ALA A 308 8.90 -3.95 22.29
CA ALA A 308 10.35 -4.06 22.31
C ALA A 308 10.85 -5.05 21.24
N VAL A 309 10.12 -6.15 21.06
CA VAL A 309 10.46 -7.07 19.96
C VAL A 309 10.41 -6.36 18.60
N PHE A 310 9.43 -5.47 18.42
CA PHE A 310 9.25 -4.78 17.16
C PHE A 310 10.38 -3.79 16.89
N LEU A 311 10.72 -3.02 17.92
CA LEU A 311 11.85 -2.08 17.83
C LEU A 311 13.16 -2.77 17.50
N GLN A 312 13.40 -3.94 18.10
CA GLN A 312 14.55 -4.75 17.74
C GLN A 312 14.46 -5.24 16.30
N TYR A 313 13.29 -5.76 15.92
CA TYR A 313 13.07 -6.16 14.53
C TYR A 313 13.31 -5.03 13.54
N GLU A 314 12.85 -3.83 13.84
CA GLU A 314 13.03 -2.70 12.92
C GLU A 314 14.52 -2.48 12.66
N GLU A 315 15.31 -2.50 13.73
CA GLU A 315 16.77 -2.39 13.62
C GLU A 315 17.38 -3.50 12.77
N ASP A 316 17.06 -4.75 13.06
CA ASP A 316 17.64 -5.85 12.31
C ASP A 316 17.21 -5.78 10.85
N SER A 317 15.95 -5.42 10.62
CA SER A 317 15.42 -5.30 9.26
C SER A 317 16.08 -4.16 8.49
N TYR A 318 16.22 -2.99 9.12
CA TYR A 318 16.91 -1.88 8.48
C TYR A 318 18.31 -2.25 8.00
N SER A 319 19.03 -2.99 8.85
CA SER A 319 20.41 -3.37 8.56
C SER A 319 20.43 -4.43 7.45
N HIS A 320 19.46 -5.32 7.47
CA HIS A 320 19.33 -6.31 6.39
C HIS A 320 19.01 -5.67 5.04
N ILE A 321 18.07 -4.72 5.01
CA ILE A 321 17.70 -4.03 3.78
C ILE A 321 18.91 -3.27 3.23
N MET A 322 19.67 -2.61 4.11
CA MET A 322 20.86 -1.91 3.63
C MET A 322 21.90 -2.85 3.04
N ALA A 323 22.10 -3.99 3.68
CA ALA A 323 22.96 -5.04 3.12
C ALA A 323 22.51 -5.52 1.74
N LEU A 324 21.20 -5.61 1.54
CA LEU A 324 20.65 -5.95 0.23
C LEU A 324 20.89 -4.85 -0.79
N ILE A 325 20.83 -3.59 -0.37
CA ILE A 325 21.06 -2.51 -1.31
C ILE A 325 22.52 -2.52 -1.77
N GLU A 326 23.43 -2.81 -0.84
CA GLU A 326 24.84 -3.01 -1.21
CA GLU A 326 24.83 -3.01 -1.20
C GLU A 326 25.01 -4.10 -2.26
N GLN A 327 24.37 -5.25 -2.02
CA GLN A 327 24.44 -6.36 -2.96
C GLN A 327 23.79 -6.09 -4.33
N TYR A 328 22.62 -5.46 -4.35
CA TYR A 328 21.68 -5.63 -5.47
C TYR A 328 21.37 -4.37 -6.24
N ALA A 329 21.73 -3.22 -5.68
CA ALA A 329 21.31 -1.96 -6.29
C ALA A 329 21.93 -1.76 -7.67
N ALA A 330 23.21 -2.06 -7.82
CA ALA A 330 23.91 -1.72 -9.07
C ALA A 330 23.25 -2.45 -10.23
N PRO A 331 23.07 -1.78 -11.37
CA PRO A 331 23.69 -0.55 -11.81
C PRO A 331 22.84 0.69 -11.56
N LEU A 332 21.72 0.53 -10.86
CA LEU A 332 20.86 1.67 -10.56
C LEU A 332 21.52 2.49 -9.46
N PRO A 333 21.25 3.81 -9.43
CA PRO A 333 21.70 4.63 -8.33
C PRO A 333 21.21 4.11 -6.97
N PRO A 334 22.13 3.83 -6.04
CA PRO A 334 21.67 3.46 -4.70
C PRO A 334 20.64 4.41 -4.10
N ALA A 335 20.70 5.70 -4.44
CA ALA A 335 19.81 6.72 -3.92
C ALA A 335 18.33 6.37 -4.09
N VAL A 336 18.03 5.66 -5.17
CA VAL A 336 16.67 5.25 -5.50
C VAL A 336 16.11 4.41 -4.36
N PHE A 337 16.93 3.49 -3.84
CA PHE A 337 16.52 2.67 -2.73
C PHE A 337 16.69 3.37 -1.40
N LEU A 338 17.74 4.17 -1.28
CA LEU A 338 18.05 4.79 0.01
C LEU A 338 16.94 5.78 0.41
N GLY A 339 16.43 6.52 -0.57
CA GLY A 339 15.41 7.51 -0.29
C GLY A 339 14.14 6.83 0.22
N LEU A 340 13.79 5.73 -0.44
CA LEU A 340 12.65 4.91 -0.07
C LEU A 340 12.80 4.39 1.35
N ALA A 341 13.94 3.78 1.63
CA ALA A 341 14.19 3.21 2.93
C ALA A 341 14.16 4.27 4.03
N ARG A 342 14.64 5.47 3.73
CA ARG A 342 14.54 6.56 4.68
C ARG A 342 13.11 6.98 4.99
N LYS A 343 12.26 7.01 3.97
CA LYS A 343 10.82 7.25 4.13
C LYS A 343 10.12 6.22 5.03
N ILE A 344 10.48 4.94 4.92
CA ILE A 344 9.75 3.94 5.68
C ILE A 344 10.30 3.63 7.08
N TYR A 345 11.59 3.83 7.30
CA TYR A 345 12.22 3.37 8.53
C TYR A 345 12.33 4.38 9.68
#